data_1Q1Y
#
_entry.id   1Q1Y
#
_cell.length_a   94.417
_cell.length_b   120.844
_cell.length_c   48.057
_cell.angle_alpha   90.00
_cell.angle_beta   90.00
_cell.angle_gamma   90.00
#
_symmetry.space_group_name_H-M   'C 2 2 21'
#
loop_
_entity.id
_entity.type
_entity.pdbx_description
1 polymer 'Peptide deformylase'
2 non-polymer 'ZINC ION'
3 non-polymer ACTINONIN
4 water water
#
_entity_poly.entity_id   1
_entity_poly.type   'polypeptide(L)'
_entity_poly.pdbx_seq_one_letter_code
;MLTMKDIIRDGHPTLRQKAAELELPLTKEEKETLIAMREFLVNSQDEEIAKRYGLRSGVGLAAPQINISKRMIAVLIPDD
GSGKSYDYMLVNPKIVSHSVQEAYLPTGEG(CSD)LSVDDNVAGLVHRHNRITIKAKDIEGNDIQLRLKGYPAIVFQHEI
DHLNGVMFYDHIDKDHPLQPHTDAVEVLEHHHHHH
;
_entity_poly.pdbx_strand_id   A
#
loop_
_chem_comp.id
_chem_comp.type
_chem_comp.name
_chem_comp.formula
BB2 non-polymer ACTINONIN 'C19 H35 N3 O5'
ZN non-polymer 'ZINC ION' 'Zn 2'
#
# COMPACT_ATOMS: atom_id res chain seq x y z
N MET A 1 -15.33 -12.68 5.37
CA MET A 1 -14.13 -12.77 4.50
C MET A 1 -14.22 -11.78 3.35
N LEU A 2 -13.26 -10.86 3.27
CA LEU A 2 -13.23 -9.88 2.18
C LEU A 2 -12.74 -10.58 0.92
N THR A 3 -13.27 -10.17 -0.23
CA THR A 3 -12.84 -10.73 -1.51
C THR A 3 -12.82 -9.61 -2.54
N MET A 4 -12.58 -9.95 -3.80
CA MET A 4 -12.52 -8.93 -4.84
C MET A 4 -13.77 -8.07 -4.94
N LYS A 5 -14.92 -8.62 -4.57
CA LYS A 5 -16.16 -7.87 -4.63
C LYS A 5 -16.20 -6.70 -3.65
N ASP A 6 -15.31 -6.73 -2.66
CA ASP A 6 -15.25 -5.66 -1.67
C ASP A 6 -14.30 -4.55 -2.10
N ILE A 7 -13.41 -4.88 -3.04
CA ILE A 7 -12.45 -3.91 -3.54
C ILE A 7 -13.10 -3.01 -4.59
N ILE A 8 -13.30 -1.73 -4.26
CA ILE A 8 -13.89 -0.82 -5.22
C ILE A 8 -12.91 -0.51 -6.33
N ARG A 9 -13.42 -0.32 -7.54
CA ARG A 9 -12.56 -0.04 -8.70
C ARG A 9 -12.34 1.43 -9.00
N ASP A 10 -11.27 1.70 -9.73
CA ASP A 10 -10.90 3.06 -10.12
C ASP A 10 -12.12 3.74 -10.74
N GLY A 11 -12.41 4.94 -10.25
CA GLY A 11 -13.55 5.68 -10.75
C GLY A 11 -14.49 5.96 -9.60
N HIS A 12 -14.44 5.08 -8.59
CA HIS A 12 -15.27 5.25 -7.42
C HIS A 12 -14.77 6.50 -6.69
N PRO A 13 -15.69 7.42 -6.36
CA PRO A 13 -15.32 8.65 -5.66
C PRO A 13 -14.52 8.51 -4.36
N THR A 14 -14.79 7.45 -3.59
CA THR A 14 -14.09 7.26 -2.33
C THR A 14 -12.57 7.16 -2.51
N LEU A 15 -12.12 6.65 -3.65
CA LEU A 15 -10.69 6.51 -3.92
C LEU A 15 -9.98 7.84 -4.13
N ARG A 16 -10.76 8.90 -4.36
CA ARG A 16 -10.17 10.22 -4.59
C ARG A 16 -10.41 11.21 -3.44
N GLN A 17 -10.95 10.71 -2.34
CA GLN A 17 -11.21 11.55 -1.18
C GLN A 17 -10.02 11.46 -0.23
N LYS A 18 -10.00 12.35 0.76
CA LYS A 18 -8.93 12.33 1.76
C LYS A 18 -9.50 11.55 2.95
N ALA A 19 -8.89 10.41 3.24
CA ALA A 19 -9.36 9.56 4.34
C ALA A 19 -9.27 10.28 5.67
N ALA A 20 -10.24 9.99 6.54
CA ALA A 20 -10.30 10.62 7.85
C ALA A 20 -9.39 9.97 8.88
N GLU A 21 -8.80 10.82 9.73
CA GLU A 21 -7.92 10.36 10.79
C GLU A 21 -8.72 9.49 11.76
N LEU A 22 -8.07 8.52 12.38
CA LEU A 22 -8.73 7.66 13.35
C LEU A 22 -8.52 8.15 14.77
N GLU A 23 -9.57 8.06 15.58
CA GLU A 23 -9.48 8.45 16.98
C GLU A 23 -9.09 7.16 17.70
N LEU A 24 -8.18 7.26 18.66
CA LEU A 24 -7.75 6.10 19.44
C LEU A 24 -8.43 6.17 20.80
N PRO A 25 -8.83 5.02 21.35
CA PRO A 25 -8.66 3.69 20.76
C PRO A 25 -9.66 3.42 19.63
N LEU A 26 -9.34 2.45 18.78
CA LEU A 26 -10.24 2.10 17.68
C LEU A 26 -11.43 1.38 18.28
N THR A 27 -12.58 1.44 17.59
CA THR A 27 -13.77 0.74 18.06
C THR A 27 -13.54 -0.71 17.67
N LYS A 28 -14.39 -1.61 18.15
CA LYS A 28 -14.27 -3.03 17.83
C LYS A 28 -14.46 -3.25 16.33
N GLU A 29 -15.37 -2.49 15.73
CA GLU A 29 -15.63 -2.62 14.30
C GLU A 29 -14.41 -2.22 13.48
N GLU A 30 -13.75 -1.14 13.87
CA GLU A 30 -12.57 -0.68 13.15
C GLU A 30 -11.44 -1.70 13.27
N LYS A 31 -11.29 -2.30 14.45
CA LYS A 31 -10.23 -3.30 14.64
C LYS A 31 -10.53 -4.51 13.75
N GLU A 32 -11.78 -4.95 13.74
CA GLU A 32 -12.17 -6.09 12.93
C GLU A 32 -11.92 -5.80 11.44
N THR A 33 -12.17 -4.57 11.03
CA THR A 33 -11.96 -4.17 9.64
C THR A 33 -10.48 -4.28 9.28
N LEU A 34 -9.62 -3.73 10.13
CA LEU A 34 -8.18 -3.75 9.90
C LEU A 34 -7.65 -5.18 9.87
N ILE A 35 -8.15 -6.01 10.77
CA ILE A 35 -7.72 -7.41 10.83
C ILE A 35 -8.17 -8.11 9.55
N ALA A 36 -9.38 -7.78 9.07
CA ALA A 36 -9.91 -8.39 7.86
C ALA A 36 -9.12 -7.94 6.63
N MET A 37 -8.61 -6.71 6.66
CA MET A 37 -7.82 -6.19 5.55
C MET A 37 -6.53 -7.01 5.47
N ARG A 38 -5.91 -7.26 6.62
CA ARG A 38 -4.70 -8.05 6.67
C ARG A 38 -5.01 -9.48 6.23
N GLU A 39 -6.14 -10.01 6.70
CA GLU A 39 -6.52 -11.37 6.35
C GLU A 39 -6.71 -11.50 4.83
N PHE A 40 -7.20 -10.44 4.19
CA PHE A 40 -7.39 -10.45 2.75
C PHE A 40 -6.03 -10.67 2.05
N LEU A 41 -5.01 -9.95 2.50
CA LEU A 41 -3.69 -10.09 1.90
C LEU A 41 -3.17 -11.51 2.13
N VAL A 42 -3.33 -12.02 3.35
CA VAL A 42 -2.89 -13.38 3.67
C VAL A 42 -3.53 -14.35 2.68
N ASN A 43 -4.85 -14.28 2.54
CA ASN A 43 -5.56 -15.16 1.61
C ASN A 43 -5.13 -14.97 0.17
N SER A 44 -4.94 -13.72 -0.24
CA SER A 44 -4.55 -13.44 -1.61
C SER A 44 -3.20 -14.07 -1.94
N GLN A 45 -2.35 -14.22 -0.93
CA GLN A 45 -1.02 -14.79 -1.13
C GLN A 45 -0.98 -16.30 -0.99
N ASP A 46 -2.11 -16.88 -0.59
CA ASP A 46 -2.19 -18.33 -0.46
C ASP A 46 -2.71 -18.87 -1.79
N GLU A 47 -1.84 -19.55 -2.52
CA GLU A 47 -2.20 -20.09 -3.83
C GLU A 47 -3.55 -20.81 -3.88
N GLU A 48 -3.78 -21.74 -2.96
CA GLU A 48 -5.03 -22.49 -2.96
C GLU A 48 -6.25 -21.60 -2.66
N ILE A 49 -6.16 -20.79 -1.60
CA ILE A 49 -7.26 -19.92 -1.23
C ILE A 49 -7.55 -18.87 -2.31
N ALA A 50 -6.50 -18.24 -2.82
CA ALA A 50 -6.65 -17.22 -3.86
C ALA A 50 -7.35 -17.80 -5.09
N LYS A 51 -7.04 -19.04 -5.43
CA LYS A 51 -7.66 -19.68 -6.58
C LYS A 51 -9.14 -19.96 -6.32
N ARG A 52 -9.44 -20.49 -5.14
CA ARG A 52 -10.81 -20.82 -4.79
C ARG A 52 -11.75 -19.62 -4.77
N TYR A 53 -11.23 -18.47 -4.34
CA TYR A 53 -12.03 -17.24 -4.27
C TYR A 53 -11.62 -16.20 -5.30
N GLY A 54 -10.93 -16.65 -6.35
CA GLY A 54 -10.48 -15.76 -7.41
C GLY A 54 -9.86 -14.46 -6.94
N LEU A 55 -8.91 -14.56 -6.01
CA LEU A 55 -8.25 -13.38 -5.48
C LEU A 55 -6.98 -12.99 -6.23
N ARG A 56 -6.75 -11.68 -6.32
CA ARG A 56 -5.58 -11.14 -6.99
C ARG A 56 -4.55 -10.95 -5.86
N SER A 57 -3.38 -11.55 -6.04
CA SER A 57 -2.31 -11.47 -5.05
C SER A 57 -1.85 -10.03 -4.81
N GLY A 58 -1.73 -9.65 -3.54
CA GLY A 58 -1.29 -8.31 -3.20
C GLY A 58 -0.49 -8.26 -1.90
N VAL A 59 0.28 -7.19 -1.71
CA VAL A 59 1.09 -7.06 -0.50
C VAL A 59 0.68 -5.85 0.34
N GLY A 60 -0.33 -5.13 -0.11
CA GLY A 60 -0.80 -3.97 0.63
C GLY A 60 -2.26 -3.65 0.35
N LEU A 61 -2.93 -3.03 1.32
CA LEU A 61 -4.34 -2.66 1.17
C LEU A 61 -4.66 -1.48 2.08
N ALA A 62 -5.39 -0.49 1.54
CA ALA A 62 -5.77 0.68 2.31
C ALA A 62 -7.29 0.70 2.50
N ALA A 63 -7.74 1.18 3.65
CA ALA A 63 -9.18 1.21 3.96
C ALA A 63 -10.04 1.78 2.82
N PRO A 64 -9.60 2.89 2.19
CA PRO A 64 -10.41 3.45 1.10
C PRO A 64 -10.69 2.46 -0.03
N GLN A 65 -9.80 1.48 -0.21
CA GLN A 65 -9.99 0.49 -1.26
C GLN A 65 -11.20 -0.41 -1.03
N ILE A 66 -11.67 -0.49 0.22
CA ILE A 66 -12.86 -1.28 0.52
C ILE A 66 -13.97 -0.34 0.95
N ASN A 67 -13.90 0.88 0.39
CA ASN A 67 -14.87 1.93 0.62
C ASN A 67 -15.03 2.41 2.06
N ILE A 68 -13.91 2.46 2.78
CA ILE A 68 -13.90 2.95 4.16
C ILE A 68 -12.89 4.09 4.18
N SER A 69 -13.41 5.31 4.25
CA SER A 69 -12.57 6.51 4.20
C SER A 69 -11.90 6.83 5.54
N LYS A 70 -11.05 5.90 5.98
CA LYS A 70 -10.32 6.04 7.23
C LYS A 70 -8.83 5.78 6.99
N ARG A 71 -7.98 6.43 7.78
CA ARG A 71 -6.54 6.28 7.61
C ARG A 71 -5.98 5.03 8.29
N MET A 72 -6.22 3.89 7.67
CA MET A 72 -5.74 2.59 8.15
C MET A 72 -5.21 1.83 6.95
N ILE A 73 -4.10 1.12 7.12
CA ILE A 73 -3.53 0.34 6.04
C ILE A 73 -2.96 -0.95 6.59
N ALA A 74 -2.80 -1.92 5.72
CA ALA A 74 -2.22 -3.21 6.09
C ALA A 74 -1.18 -3.54 5.03
N VAL A 75 0.00 -3.96 5.48
CA VAL A 75 1.07 -4.32 4.56
C VAL A 75 1.55 -5.72 4.92
N LEU A 76 1.68 -6.56 3.90
CA LEU A 76 2.13 -7.93 4.11
C LEU A 76 3.08 -8.32 2.99
N ILE A 77 4.37 -8.08 3.23
CA ILE A 77 5.41 -8.40 2.26
C ILE A 77 6.17 -9.60 2.82
N PRO A 78 6.08 -10.74 2.14
CA PRO A 78 6.77 -11.95 2.60
C PRO A 78 8.28 -11.87 2.49
N ASP A 79 8.96 -12.75 3.22
CA ASP A 79 10.41 -12.83 3.21
C ASP A 79 10.88 -12.95 1.76
N ASP A 80 11.79 -12.07 1.34
CA ASP A 80 12.29 -12.10 -0.03
C ASP A 80 13.51 -13.01 -0.16
N GLY A 81 14.00 -13.50 0.97
CA GLY A 81 15.15 -14.37 0.98
C GLY A 81 16.24 -13.80 1.86
N SER A 82 16.08 -12.52 2.21
CA SER A 82 17.05 -11.83 3.07
C SER A 82 16.65 -12.00 4.53
N GLY A 83 15.53 -12.68 4.78
CA GLY A 83 15.07 -12.87 6.13
C GLY A 83 14.23 -11.69 6.59
N LYS A 84 14.13 -10.67 5.74
CA LYS A 84 13.33 -9.49 6.07
C LYS A 84 11.91 -9.66 5.56
N SER A 85 10.94 -9.41 6.42
CA SER A 85 9.52 -9.52 6.05
C SER A 85 8.77 -8.38 6.73
N TYR A 86 7.66 -7.97 6.13
CA TYR A 86 6.87 -6.88 6.67
C TYR A 86 5.41 -7.25 6.87
N ASP A 87 4.99 -7.27 8.13
CA ASP A 87 3.62 -7.61 8.50
C ASP A 87 3.16 -6.50 9.44
N TYR A 88 2.53 -5.47 8.89
CA TYR A 88 2.07 -4.34 9.68
C TYR A 88 0.66 -3.84 9.38
N MET A 89 -0.10 -3.57 10.44
CA MET A 89 -1.42 -2.99 10.34
C MET A 89 -1.22 -1.63 10.99
N LEU A 90 -1.27 -0.56 10.22
CA LEU A 90 -1.03 0.78 10.76
C LEU A 90 -2.23 1.72 10.78
N VAL A 91 -2.31 2.51 11.86
CA VAL A 91 -3.37 3.49 12.06
C VAL A 91 -2.74 4.88 12.01
N ASN A 92 -3.35 5.77 11.23
CA ASN A 92 -2.86 7.14 11.05
C ASN A 92 -1.38 7.19 10.66
N PRO A 93 -0.96 6.38 9.67
CA PRO A 93 0.45 6.40 9.29
C PRO A 93 0.82 7.73 8.63
N LYS A 94 2.03 8.20 8.90
CA LYS A 94 2.51 9.44 8.31
C LYS A 94 4.02 9.40 8.10
N ILE A 95 4.45 9.84 6.93
CA ILE A 95 5.88 9.89 6.63
C ILE A 95 6.39 11.18 7.27
N VAL A 96 7.28 11.06 8.25
CA VAL A 96 7.80 12.25 8.92
C VAL A 96 9.11 12.74 8.32
N SER A 97 9.82 11.86 7.61
CA SER A 97 11.06 12.24 6.96
C SER A 97 11.37 11.27 5.83
N HIS A 98 12.20 11.69 4.88
CA HIS A 98 12.53 10.81 3.76
C HIS A 98 13.78 11.29 3.03
N SER A 99 14.35 10.40 2.23
CA SER A 99 15.53 10.72 1.45
C SER A 99 15.14 11.60 0.27
N VAL A 100 16.11 12.31 -0.28
CA VAL A 100 15.88 13.11 -1.47
C VAL A 100 15.99 12.15 -2.65
N GLN A 101 16.90 11.19 -2.53
CA GLN A 101 17.09 10.20 -3.61
C GLN A 101 15.81 9.38 -3.81
N GLU A 102 15.47 9.14 -5.07
CA GLU A 102 14.27 8.38 -5.41
C GLU A 102 14.56 6.92 -5.75
N ALA A 103 13.48 6.14 -5.82
CA ALA A 103 13.57 4.72 -6.15
C ALA A 103 12.32 4.37 -6.96
N TYR A 104 12.39 3.27 -7.70
CA TYR A 104 11.26 2.86 -8.53
C TYR A 104 11.37 1.39 -8.93
N LEU A 105 10.22 0.75 -9.13
CA LEU A 105 10.23 -0.64 -9.57
C LEU A 105 10.38 -0.54 -11.10
N PRO A 106 11.32 -1.29 -11.67
CA PRO A 106 11.57 -1.26 -13.12
C PRO A 106 10.38 -1.53 -14.04
N THR A 107 9.39 -2.28 -13.56
CA THR A 107 8.23 -2.59 -14.39
C THR A 107 6.97 -1.81 -14.01
N GLY A 108 7.15 -0.75 -13.23
CA GLY A 108 6.01 0.05 -12.81
C GLY A 108 5.30 -0.55 -11.62
N GLU A 109 4.06 -0.15 -11.39
CA GLU A 109 3.29 -0.66 -10.27
C GLU A 109 1.90 -1.12 -10.69
N GLY A 110 1.30 -1.96 -9.86
CA GLY A 110 -0.04 -2.46 -10.11
C GLY A 110 -0.92 -2.08 -8.94
N CSD A 111 -2.24 -2.06 -9.16
CA CSD A 111 -3.16 -1.69 -8.10
CB CSD A 111 -3.59 -0.24 -8.29
SG CSD A 111 -4.31 0.56 -6.83
C CSD A 111 -4.39 -2.60 -8.12
O CSD A 111 -4.92 -2.92 -9.18
OD1 CSD A 111 -4.81 1.87 -7.27
OD2 CSD A 111 -5.39 -0.30 -6.32
N LEU A 112 -4.83 -3.02 -6.93
CA LEU A 112 -6.00 -3.89 -6.82
C LEU A 112 -7.27 -3.22 -7.31
N SER A 113 -7.31 -1.90 -7.27
CA SER A 113 -8.48 -1.14 -7.71
C SER A 113 -8.43 -0.84 -9.20
N VAL A 114 -7.28 -1.10 -9.82
CA VAL A 114 -7.10 -0.84 -11.24
C VAL A 114 -7.03 -2.17 -11.99
N ASP A 115 -8.07 -2.47 -12.77
CA ASP A 115 -8.17 -3.71 -13.53
C ASP A 115 -7.07 -3.97 -14.56
N ASP A 116 -6.75 -2.97 -15.36
CA ASP A 116 -5.74 -3.13 -16.39
C ASP A 116 -4.43 -2.46 -16.01
N ASN A 117 -3.32 -3.05 -16.46
CA ASN A 117 -2.00 -2.51 -16.18
C ASN A 117 -1.80 -1.17 -16.87
N VAL A 118 -1.05 -0.30 -16.20
CA VAL A 118 -0.72 1.02 -16.74
C VAL A 118 0.79 1.08 -16.74
N ALA A 119 1.38 1.20 -17.92
CA ALA A 119 2.83 1.25 -18.05
C ALA A 119 3.41 2.57 -17.59
N GLY A 120 4.61 2.53 -17.01
CA GLY A 120 5.24 3.76 -16.55
C GLY A 120 5.90 3.63 -15.19
N LEU A 121 7.02 4.33 -15.03
CA LEU A 121 7.74 4.30 -13.76
C LEU A 121 7.08 5.21 -12.73
N VAL A 122 7.07 4.76 -11.48
CA VAL A 122 6.49 5.55 -10.40
C VAL A 122 7.62 5.84 -9.42
N HIS A 123 8.22 7.02 -9.52
CA HIS A 123 9.32 7.39 -8.64
C HIS A 123 8.82 7.76 -7.25
N ARG A 124 9.45 7.17 -6.24
CA ARG A 124 9.10 7.44 -4.86
C ARG A 124 10.39 7.65 -4.09
N HIS A 125 10.29 7.93 -2.79
CA HIS A 125 11.49 8.14 -2.00
C HIS A 125 12.11 6.78 -1.72
N ASN A 126 13.43 6.67 -1.83
CA ASN A 126 14.11 5.41 -1.59
C ASN A 126 14.08 5.05 -0.10
N ARG A 127 14.18 6.07 0.75
CA ARG A 127 14.15 5.86 2.19
C ARG A 127 13.11 6.75 2.84
N ILE A 128 12.34 6.19 3.77
CA ILE A 128 11.32 6.95 4.50
C ILE A 128 11.29 6.52 5.95
N THR A 129 10.77 7.41 6.80
CA THR A 129 10.59 7.13 8.21
C THR A 129 9.12 7.42 8.47
N ILE A 130 8.41 6.43 8.98
CA ILE A 130 6.99 6.57 9.26
C ILE A 130 6.66 6.46 10.74
N LYS A 131 5.72 7.28 11.18
CA LYS A 131 5.24 7.22 12.55
C LYS A 131 3.77 6.86 12.41
N ALA A 132 3.28 5.98 13.28
CA ALA A 132 1.89 5.55 13.24
C ALA A 132 1.55 4.88 14.55
N LYS A 133 0.29 4.45 14.68
CA LYS A 133 -0.15 3.73 15.87
C LYS A 133 -0.47 2.33 15.39
N ASP A 134 -0.40 1.34 16.28
CA ASP A 134 -0.76 -0.01 15.87
C ASP A 134 -2.24 -0.19 16.24
N ILE A 135 -2.80 -1.36 15.95
CA ILE A 135 -4.21 -1.62 16.21
C ILE A 135 -4.66 -1.38 17.66
N GLU A 136 -3.71 -1.42 18.61
CA GLU A 136 -4.04 -1.20 20.01
C GLU A 136 -3.70 0.21 20.50
N GLY A 137 -3.34 1.09 19.58
CA GLY A 137 -3.03 2.46 19.94
C GLY A 137 -1.61 2.71 20.41
N ASN A 138 -0.75 1.70 20.30
CA ASN A 138 0.64 1.87 20.71
C ASN A 138 1.45 2.52 19.59
N ASP A 139 2.60 3.07 19.93
CA ASP A 139 3.41 3.78 18.95
C ASP A 139 4.35 2.90 18.12
N ILE A 140 4.40 3.21 16.83
CA ILE A 140 5.26 2.48 15.90
C ILE A 140 6.01 3.48 15.02
N GLN A 141 7.32 3.30 14.89
CA GLN A 141 8.11 4.16 14.02
C GLN A 141 8.95 3.23 13.16
N LEU A 142 8.75 3.31 11.85
CA LEU A 142 9.47 2.45 10.92
C LEU A 142 10.47 3.23 10.06
N ARG A 143 11.60 2.59 9.80
CA ARG A 143 12.63 3.14 8.92
C ARG A 143 12.64 2.11 7.79
N LEU A 144 12.21 2.53 6.60
CA LEU A 144 12.11 1.64 5.45
C LEU A 144 12.93 2.10 4.26
N LYS A 145 13.34 1.12 3.45
CA LYS A 145 14.13 1.42 2.27
C LYS A 145 13.82 0.48 1.11
N GLY A 146 13.90 1.00 -0.11
CA GLY A 146 13.64 0.19 -1.28
C GLY A 146 12.21 -0.29 -1.45
N TYR A 147 12.07 -1.56 -1.81
CA TYR A 147 10.76 -2.17 -2.04
C TYR A 147 9.71 -1.88 -0.97
N PRO A 148 10.01 -2.18 0.30
CA PRO A 148 9.01 -1.90 1.34
C PRO A 148 8.66 -0.41 1.45
N ALA A 149 9.64 0.45 1.22
CA ALA A 149 9.38 1.89 1.29
C ALA A 149 8.38 2.25 0.20
N ILE A 150 8.55 1.64 -0.97
CA ILE A 150 7.66 1.89 -2.10
C ILE A 150 6.24 1.41 -1.78
N VAL A 151 6.12 0.21 -1.23
CA VAL A 151 4.80 -0.32 -0.89
C VAL A 151 4.06 0.58 0.11
N PHE A 152 4.73 0.99 1.18
CA PHE A 152 4.07 1.85 2.15
C PHE A 152 3.68 3.21 1.54
N GLN A 153 4.49 3.74 0.65
CA GLN A 153 4.15 5.02 0.02
C GLN A 153 2.93 4.84 -0.88
N HIS A 154 2.84 3.70 -1.56
CA HIS A 154 1.69 3.41 -2.41
C HIS A 154 0.42 3.40 -1.55
N GLU A 155 0.47 2.72 -0.41
CA GLU A 155 -0.69 2.65 0.47
C GLU A 155 -1.06 4.00 1.07
N ILE A 156 -0.07 4.73 1.57
CA ILE A 156 -0.35 6.03 2.17
C ILE A 156 -0.99 6.95 1.14
N ASP A 157 -0.51 6.87 -0.11
CA ASP A 157 -1.06 7.67 -1.19
C ASP A 157 -2.58 7.47 -1.27
N HIS A 158 -3.03 6.22 -1.16
CA HIS A 158 -4.48 5.93 -1.21
C HIS A 158 -5.23 6.75 -0.17
N LEU A 159 -4.60 6.99 0.98
CA LEU A 159 -5.22 7.75 2.06
C LEU A 159 -5.37 9.22 1.71
N ASN A 160 -4.64 9.67 0.69
CA ASN A 160 -4.70 11.06 0.27
C ASN A 160 -5.36 11.24 -1.10
N GLY A 161 -6.04 10.19 -1.55
CA GLY A 161 -6.72 10.24 -2.84
C GLY A 161 -5.80 10.25 -4.04
N VAL A 162 -4.61 9.69 -3.86
CA VAL A 162 -3.63 9.63 -4.94
C VAL A 162 -3.49 8.22 -5.48
N MET A 163 -3.50 8.09 -6.81
CA MET A 163 -3.38 6.79 -7.46
C MET A 163 -1.98 6.71 -8.09
N PHE A 164 -1.43 5.50 -8.15
CA PHE A 164 -0.09 5.30 -8.69
C PHE A 164 0.17 5.92 -10.07
N TYR A 165 -0.81 5.85 -10.97
CA TYR A 165 -0.61 6.40 -12.31
C TYR A 165 -0.51 7.93 -12.32
N ASP A 166 -0.88 8.58 -11.22
CA ASP A 166 -0.80 10.03 -11.12
C ASP A 166 0.67 10.46 -11.22
N HIS A 167 1.57 9.55 -10.84
CA HIS A 167 3.02 9.81 -10.84
C HIS A 167 3.72 9.55 -12.17
N ILE A 168 3.06 8.83 -13.07
CA ILE A 168 3.67 8.50 -14.35
C ILE A 168 3.80 9.68 -15.31
N ASP A 169 4.99 9.81 -15.90
CA ASP A 169 5.26 10.90 -16.84
C ASP A 169 4.53 10.60 -18.15
N LYS A 170 3.75 11.56 -18.62
CA LYS A 170 2.99 11.43 -19.86
C LYS A 170 3.87 11.23 -21.09
N ASP A 171 4.90 12.07 -21.20
CA ASP A 171 5.82 12.03 -22.34
C ASP A 171 6.80 10.87 -22.33
N HIS A 172 7.57 10.73 -21.25
CA HIS A 172 8.56 9.66 -21.14
C HIS A 172 8.28 8.79 -19.92
N PRO A 173 7.21 8.00 -19.97
CA PRO A 173 6.81 7.10 -18.86
C PRO A 173 7.86 6.11 -18.38
N LEU A 174 8.75 5.66 -19.25
CA LEU A 174 9.76 4.69 -18.85
C LEU A 174 11.16 5.25 -18.65
N GLN A 175 11.29 6.57 -18.65
CA GLN A 175 12.58 7.21 -18.47
C GLN A 175 12.88 7.43 -16.99
N PRO A 176 13.82 6.65 -16.43
CA PRO A 176 14.18 6.77 -15.01
C PRO A 176 14.82 8.11 -14.68
N HIS A 177 14.45 8.68 -13.54
CA HIS A 177 15.00 9.97 -13.12
C HIS A 177 16.48 9.83 -12.82
N THR A 178 17.20 10.94 -12.92
CA THR A 178 18.63 10.97 -12.67
C THR A 178 18.95 10.50 -11.25
N ASP A 179 19.82 9.50 -11.15
CA ASP A 179 20.26 8.96 -9.87
C ASP A 179 19.20 8.18 -9.08
N ALA A 180 18.06 7.92 -9.70
CA ALA A 180 17.00 7.17 -9.02
C ALA A 180 17.42 5.71 -8.90
N VAL A 181 17.11 5.10 -7.76
CA VAL A 181 17.48 3.71 -7.51
C VAL A 181 16.52 2.71 -8.13
N GLU A 182 17.04 1.79 -8.93
CA GLU A 182 16.21 0.76 -9.54
C GLU A 182 16.04 -0.34 -8.49
N VAL A 183 14.80 -0.62 -8.10
CA VAL A 183 14.51 -1.65 -7.11
C VAL A 183 14.02 -2.96 -7.72
N LEU A 184 14.83 -4.01 -7.59
CA LEU A 184 14.48 -5.32 -8.13
C LEU A 184 13.15 -5.78 -7.55
N GLU A 185 12.33 -6.42 -8.39
CA GLU A 185 11.04 -6.90 -7.94
C GLU A 185 11.23 -8.07 -6.96
N HIS A 186 11.16 -7.76 -5.67
CA HIS A 186 11.33 -8.80 -4.63
C HIS A 186 10.46 -8.52 -3.42
ZN ZN B . -3.19 0.37 -4.80
C5 BB2 C . -1.87 -3.56 -4.09
C3 BB2 C . -2.71 -2.31 -3.93
O4 BB2 C . -3.44 -1.97 -4.86
N1 BB2 C . -2.57 -1.62 -2.79
O2 BB2 C . -3.18 -0.53 -2.56
C6 BB2 C . -0.41 -3.34 -4.61
C12 BB2 C . 0.07 -4.77 -4.91
O13 BB2 C . 0.28 -5.62 -4.01
C7 BB2 C . 0.41 -2.55 -3.55
C8 BB2 C . 1.88 -2.73 -3.13
C9 BB2 C . 2.87 -2.54 -4.28
C10 BB2 C . 3.46 -1.16 -4.56
C11 BB2 C . 4.49 -1.02 -5.68
N14 BB2 C . 0.15 -5.01 -6.21
C15 BB2 C . 0.44 -6.30 -6.85
C16 BB2 C . -0.35 -6.42 -8.18
C18 BB2 C . -1.84 -6.15 -8.08
C17 BB2 C . -0.05 -7.57 -9.15
C19 BB2 C . 1.93 -6.62 -6.95
O20 BB2 C . 2.60 -5.85 -7.65
N21 BB2 C . 2.41 -7.79 -6.42
C22 BB2 C . 3.73 -8.41 -6.63
C23 BB2 C . 1.63 -8.65 -5.49
C24 BB2 C . 2.49 -9.83 -5.11
C25 BB2 C . 3.81 -9.68 -5.80
C26 BB2 C . 4.04 -8.80 -8.09
O27 BB2 C . 3.18 -9.33 -8.81
#